data_7THI
#
_entry.id   7THI
#
_cell.length_a   48.607
_cell.length_b   71.758
_cell.length_c   159.294
_cell.angle_alpha   90.000
_cell.angle_beta   90.000
_cell.angle_gamma   90.000
#
_symmetry.space_group_name_H-M   'P 21 21 21'
#
loop_
_entity.id
_entity.type
_entity.pdbx_description
1 polymer 'Bisphosphoglycerate mutase'
2 non-polymer '2-PHOSPHOGLYCOLIC ACID'
3 water water
#
_entity_poly.entity_id   1
_entity_poly.type   'polypeptide(L)'
_entity_poly.pdbx_seq_one_letter_code
;MSKYKLIMLRHGEGAWNKENRFCSWVDQKLNSEGMEEARNCGKQLKALNFEFDLVFTSVLNRSIHTAWLILEELGQEWVP
VESSWRLNERHYGALIGLNREQMALNHGEEQVRLWRRSYNVTPPPIEESHPYYQEIYNDRRYKVCDVPLDQLPRSESLKD
VLERLLPYWNERIAPEVLRGKTILISAHGNSSRALLKHLEGISDEDIINITLPTGVPILLELDENLRAVGPHQFLGDQEA
IQAAIKKVEDQGKVKQAKKLEHHHHHH
;
_entity_poly.pdbx_strand_id   A,B
#
# COMPACT_ATOMS: atom_id res chain seq x y z
N SER A 2 0.04 -6.56 -30.33
CA SER A 2 -1.21 -6.16 -29.70
C SER A 2 -1.09 -4.73 -29.19
N LYS A 3 -2.21 -4.02 -29.16
CA LYS A 3 -2.15 -2.59 -28.88
C LYS A 3 -1.93 -2.30 -27.39
N TYR A 4 -2.56 -3.05 -26.48
CA TYR A 4 -2.41 -2.79 -25.06
C TYR A 4 -2.04 -4.08 -24.33
N LYS A 5 -1.27 -3.94 -23.27
CA LYS A 5 -0.91 -5.06 -22.42
C LYS A 5 -1.05 -4.68 -20.96
N LEU A 6 -1.50 -5.63 -20.16
CA LEU A 6 -1.57 -5.44 -18.72
C LEU A 6 -1.31 -6.77 -18.05
N ILE A 7 -1.10 -6.71 -16.75
CA ILE A 7 -0.84 -7.90 -15.95
C ILE A 7 -1.99 -8.11 -14.99
N MET A 8 -2.50 -9.32 -14.91
CA MET A 8 -3.45 -9.73 -13.90
CA MET A 8 -3.40 -9.69 -13.85
C MET A 8 -2.91 -10.99 -13.22
N LEU A 9 -3.22 -11.14 -11.95
N LEU A 9 -3.17 -11.14 -11.93
CA LEU A 9 -2.84 -12.37 -11.27
CA LEU A 9 -2.85 -12.38 -11.26
C LEU A 9 -3.74 -12.58 -10.07
C LEU A 9 -3.78 -12.61 -10.09
N ARG A 10 -3.82 -13.85 -9.63
CA ARG A 10 -4.39 -14.17 -8.34
C ARG A 10 -3.24 -14.39 -7.36
N HIS A 11 -3.49 -14.01 -6.12
CA HIS A 11 -2.48 -14.12 -5.06
C HIS A 11 -2.11 -15.58 -4.79
N GLY A 12 -1.01 -15.73 -4.07
CA GLY A 12 -0.57 -17.02 -3.60
C GLY A 12 -1.36 -17.56 -2.41
N GLU A 13 -0.85 -18.63 -1.86
CA GLU A 13 -1.64 -19.40 -0.90
C GLU A 13 -1.68 -18.76 0.49
N GLY A 14 -2.71 -19.17 1.23
CA GLY A 14 -2.86 -18.98 2.65
C GLY A 14 -3.16 -20.32 3.29
N ALA A 15 -3.47 -20.30 4.59
CA ALA A 15 -3.65 -21.54 5.33
C ALA A 15 -4.74 -22.42 4.71
N TRP A 16 -5.80 -21.83 4.21
CA TRP A 16 -6.92 -22.63 3.74
C TRP A 16 -6.66 -23.29 2.39
N ASN A 17 -5.54 -22.97 1.72
CA ASN A 17 -5.20 -23.71 0.50
C ASN A 17 -4.84 -25.14 0.85
N LYS A 18 -3.87 -25.33 1.75
CA LYS A 18 -3.52 -26.69 2.18
C LYS A 18 -4.68 -27.38 2.88
N GLU A 19 -5.47 -26.63 3.66
CA GLU A 19 -6.61 -27.25 4.33
C GLU A 19 -7.76 -27.52 3.38
N ASN A 20 -7.73 -26.95 2.18
CA ASN A 20 -8.73 -27.16 1.15
C ASN A 20 -10.11 -26.66 1.58
N ARG A 21 -10.17 -25.43 2.09
CA ARG A 21 -11.43 -24.81 2.49
C ARG A 21 -11.71 -23.57 1.65
N PHE A 22 -12.97 -23.39 1.29
CA PHE A 22 -13.39 -22.19 0.56
C PHE A 22 -13.15 -20.95 1.43
N CYS A 23 -12.41 -19.98 0.90
CA CYS A 23 -12.05 -18.79 1.67
C CYS A 23 -12.92 -17.58 1.33
N SER A 24 -13.00 -17.21 0.05
CA SER A 24 -13.98 -16.23 -0.41
C SER A 24 -13.79 -14.92 0.36
N TRP A 25 -14.84 -14.33 0.94
CA TRP A 25 -14.72 -13.04 1.59
C TRP A 25 -14.15 -13.10 3.01
N VAL A 26 -13.80 -14.28 3.53
CA VAL A 26 -13.03 -14.31 4.78
C VAL A 26 -11.67 -13.69 4.51
N ASP A 27 -11.27 -12.77 5.37
CA ASP A 27 -10.10 -11.93 5.09
C ASP A 27 -8.81 -12.58 5.58
N GLN A 28 -8.56 -13.80 5.11
CA GLN A 28 -7.39 -14.55 5.51
C GLN A 28 -6.11 -13.96 4.91
N LYS A 29 -5.04 -14.01 5.67
CA LYS A 29 -3.76 -13.52 5.21
C LYS A 29 -3.02 -14.57 4.39
N LEU A 30 -2.10 -14.09 3.56
CA LEU A 30 -1.12 -14.98 2.94
C LEU A 30 -0.32 -15.68 4.02
N ASN A 31 0.11 -16.91 3.73
CA ASN A 31 1.12 -17.55 4.56
C ASN A 31 2.50 -17.28 3.93
N SER A 32 3.55 -17.86 4.52
N SER A 32 3.53 -17.89 4.51
CA SER A 32 4.90 -17.55 4.04
CA SER A 32 4.88 -17.65 4.03
C SER A 32 5.11 -18.03 2.61
C SER A 32 5.00 -18.00 2.55
N GLU A 33 4.43 -19.12 2.21
N GLU A 33 4.49 -19.17 2.15
CA GLU A 33 4.56 -19.58 0.83
CA GLU A 33 4.61 -19.55 0.74
C GLU A 33 3.86 -18.62 -0.13
C GLU A 33 3.88 -18.56 -0.16
N GLY A 34 2.70 -18.10 0.24
CA GLY A 34 1.99 -17.14 -0.59
C GLY A 34 2.71 -15.82 -0.71
N MET A 35 3.41 -15.41 0.34
CA MET A 35 4.24 -14.21 0.24
C MET A 35 5.38 -14.42 -0.75
N GLU A 36 6.01 -15.59 -0.70
CA GLU A 36 7.08 -15.90 -1.64
C GLU A 36 6.56 -15.95 -3.08
N GLU A 37 5.33 -16.44 -3.28
CA GLU A 37 4.78 -16.43 -4.63
C GLU A 37 4.66 -15.00 -5.16
N ALA A 38 4.25 -14.06 -4.33
CA ALA A 38 4.17 -12.67 -4.76
C ALA A 38 5.54 -12.13 -5.11
N ARG A 39 6.55 -12.40 -4.28
CA ARG A 39 7.90 -11.96 -4.58
C ARG A 39 8.38 -12.55 -5.89
N ASN A 40 8.08 -13.83 -6.16
CA ASN A 40 8.49 -14.44 -7.41
C ASN A 40 7.84 -13.74 -8.60
N CYS A 41 6.57 -13.37 -8.47
N CYS A 41 6.56 -13.38 -8.47
CA CYS A 41 5.91 -12.60 -9.52
CA CYS A 41 5.92 -12.60 -9.53
C CYS A 41 6.62 -11.27 -9.72
C CYS A 41 6.62 -11.26 -9.73
N GLY A 42 6.95 -10.59 -8.63
CA GLY A 42 7.67 -9.33 -8.76
C GLY A 42 9.00 -9.48 -9.47
N LYS A 43 9.72 -10.58 -9.19
CA LYS A 43 11.01 -10.81 -9.86
C LYS A 43 10.82 -11.06 -11.35
N GLN A 44 9.77 -11.77 -11.74
CA GLN A 44 9.50 -11.97 -13.16
C GLN A 44 9.19 -10.64 -13.83
N LEU A 45 8.37 -9.82 -13.20
CA LEU A 45 8.03 -8.54 -13.79
C LEU A 45 9.23 -7.60 -13.86
N LYS A 46 10.13 -7.69 -12.87
CA LYS A 46 11.36 -6.92 -12.92
C LYS A 46 12.23 -7.37 -14.09
N ALA A 47 12.33 -8.68 -14.31
CA ALA A 47 13.10 -9.18 -15.44
C ALA A 47 12.61 -8.59 -16.76
N LEU A 48 11.31 -8.36 -16.87
CA LEU A 48 10.68 -7.79 -18.05
C LEU A 48 10.68 -6.27 -18.05
N ASN A 49 11.27 -5.66 -17.03
CA ASN A 49 11.41 -4.19 -16.95
C ASN A 49 10.05 -3.50 -16.88
N PHE A 50 9.08 -4.13 -16.21
CA PHE A 50 7.78 -3.49 -16.05
C PHE A 50 7.89 -2.24 -15.19
N GLU A 51 7.19 -1.20 -15.63
CA GLU A 51 7.10 0.08 -14.93
C GLU A 51 5.61 0.40 -14.78
N PHE A 52 5.04 0.01 -13.64
CA PHE A 52 3.62 0.19 -13.46
C PHE A 52 3.28 1.65 -13.20
N ASP A 53 2.10 2.05 -13.66
CA ASP A 53 1.55 3.36 -13.38
C ASP A 53 0.41 3.32 -12.36
N LEU A 54 -0.28 2.20 -12.26
CA LEU A 54 -1.43 2.05 -11.37
C LEU A 54 -1.59 0.58 -11.06
N VAL A 55 -2.03 0.31 -9.83
CA VAL A 55 -2.33 -1.05 -9.36
C VAL A 55 -3.75 -1.05 -8.83
N PHE A 56 -4.54 -2.08 -9.21
CA PHE A 56 -5.88 -2.28 -8.71
C PHE A 56 -5.92 -3.59 -7.94
N THR A 57 -6.58 -3.56 -6.78
CA THR A 57 -6.70 -4.73 -5.91
C THR A 57 -8.14 -4.84 -5.41
N SER A 58 -8.42 -5.95 -4.72
CA SER A 58 -9.66 -6.05 -3.97
C SER A 58 -9.47 -5.41 -2.59
N VAL A 59 -10.51 -5.47 -1.75
CA VAL A 59 -10.37 -5.02 -0.38
C VAL A 59 -9.98 -6.15 0.58
N LEU A 60 -9.73 -7.35 0.06
CA LEU A 60 -9.24 -8.44 0.88
C LEU A 60 -7.73 -8.30 1.00
N ASN A 61 -7.22 -8.39 2.23
CA ASN A 61 -5.84 -8.02 2.47
C ASN A 61 -4.85 -8.91 1.70
N ARG A 62 -5.21 -10.16 1.37
CA ARG A 62 -4.26 -11.00 0.67
C ARG A 62 -3.96 -10.48 -0.73
N SER A 63 -4.93 -9.81 -1.37
CA SER A 63 -4.66 -9.20 -2.67
C SER A 63 -3.85 -7.91 -2.53
N ILE A 64 -4.07 -7.17 -1.46
CA ILE A 64 -3.34 -5.93 -1.23
C ILE A 64 -1.89 -6.24 -0.89
N HIS A 65 -1.66 -7.18 0.03
CA HIS A 65 -0.30 -7.57 0.37
C HIS A 65 0.46 -8.13 -0.82
N THR A 66 -0.23 -8.86 -1.70
CA THR A 66 0.42 -9.33 -2.92
C THR A 66 0.93 -8.16 -3.76
N ALA A 67 0.09 -7.14 -3.93
CA ALA A 67 0.50 -5.94 -4.67
C ALA A 67 1.68 -5.26 -4.00
N TRP A 68 1.62 -5.10 -2.67
CA TRP A 68 2.72 -4.43 -1.96
C TRP A 68 4.03 -5.18 -2.12
N LEU A 69 3.98 -6.52 -2.06
CA LEU A 69 5.20 -7.31 -2.23
C LEU A 69 5.76 -7.18 -3.64
N ILE A 70 4.87 -7.16 -4.64
CA ILE A 70 5.32 -7.00 -6.02
C ILE A 70 5.96 -5.62 -6.20
N LEU A 71 5.30 -4.58 -5.70
CA LEU A 71 5.86 -3.24 -5.81
C LEU A 71 7.21 -3.13 -5.11
N GLU A 72 7.37 -3.79 -3.97
CA GLU A 72 8.66 -3.75 -3.29
C GLU A 72 9.74 -4.43 -4.13
N GLU A 73 9.43 -5.58 -4.74
CA GLU A 73 10.43 -6.23 -5.59
C GLU A 73 10.85 -5.31 -6.73
N LEU A 74 9.92 -4.50 -7.23
CA LEU A 74 10.19 -3.60 -8.36
C LEU A 74 10.78 -2.27 -7.94
N GLY A 75 10.81 -1.95 -6.66
CA GLY A 75 11.20 -0.61 -6.26
C GLY A 75 10.20 0.44 -6.67
N GLN A 76 8.92 0.07 -6.73
CA GLN A 76 7.85 0.92 -7.22
C GLN A 76 6.76 1.15 -6.16
N GLU A 77 7.16 1.23 -4.89
CA GLU A 77 6.18 1.38 -3.81
C GLU A 77 5.39 2.68 -3.90
N TRP A 78 5.89 3.68 -4.62
CA TRP A 78 5.20 4.95 -4.80
C TRP A 78 4.07 4.89 -5.82
N VAL A 79 3.95 3.79 -6.56
CA VAL A 79 2.92 3.71 -7.60
C VAL A 79 1.55 3.65 -6.97
N PRO A 80 0.57 4.43 -7.43
CA PRO A 80 -0.76 4.43 -6.79
C PRO A 80 -1.45 3.07 -6.81
N VAL A 81 -2.04 2.73 -5.67
CA VAL A 81 -2.87 1.54 -5.49
C VAL A 81 -4.30 1.99 -5.25
N GLU A 82 -5.25 1.30 -5.88
CA GLU A 82 -6.66 1.51 -5.61
C GLU A 82 -7.29 0.15 -5.33
N SER A 83 -8.11 0.08 -4.29
CA SER A 83 -8.71 -1.17 -3.83
C SER A 83 -10.22 -1.06 -3.85
N SER A 84 -10.89 -2.11 -4.36
CA SER A 84 -12.36 -2.10 -4.45
C SER A 84 -12.93 -3.48 -4.17
N TRP A 85 -14.07 -3.50 -3.46
CA TRP A 85 -14.79 -4.76 -3.27
C TRP A 85 -15.19 -5.39 -4.60
N ARG A 86 -15.25 -4.62 -5.68
CA ARG A 86 -15.68 -5.15 -6.97
C ARG A 86 -14.66 -6.09 -7.58
N LEU A 87 -13.43 -6.14 -7.04
CA LEU A 87 -12.45 -7.15 -7.40
C LEU A 87 -12.37 -8.30 -6.41
N ASN A 88 -13.21 -8.30 -5.38
CA ASN A 88 -13.20 -9.38 -4.40
C ASN A 88 -13.43 -10.73 -5.06
N GLU A 89 -12.89 -11.75 -4.42
CA GLU A 89 -13.22 -13.13 -4.75
C GLU A 89 -14.73 -13.33 -4.76
N ARG A 90 -15.17 -14.31 -5.54
CA ARG A 90 -16.59 -14.63 -5.55
C ARG A 90 -17.05 -14.98 -4.14
N HIS A 91 -18.26 -14.55 -3.80
CA HIS A 91 -18.87 -14.86 -2.52
C HIS A 91 -19.45 -16.27 -2.55
N TYR A 92 -18.88 -17.18 -1.77
CA TYR A 92 -19.28 -18.58 -1.75
C TYR A 92 -20.45 -18.89 -0.81
N GLY A 93 -21.05 -17.86 -0.21
CA GLY A 93 -22.26 -18.10 0.57
C GLY A 93 -22.02 -19.04 1.74
N ALA A 94 -22.97 -19.95 1.95
CA ALA A 94 -22.86 -20.92 3.04
C ALA A 94 -21.68 -21.86 2.87
N LEU A 95 -21.10 -21.95 1.66
CA LEU A 95 -19.94 -22.82 1.47
C LEU A 95 -18.66 -22.24 2.06
N ILE A 96 -18.68 -20.95 2.44
CA ILE A 96 -17.49 -20.35 3.02
C ILE A 96 -17.05 -21.18 4.21
N GLY A 97 -15.75 -21.50 4.25
CA GLY A 97 -15.18 -22.25 5.35
C GLY A 97 -15.33 -23.75 5.25
N LEU A 98 -16.12 -24.26 4.30
CA LEU A 98 -16.26 -25.70 4.17
C LEU A 98 -15.14 -26.28 3.32
N ASN A 99 -14.88 -27.56 3.53
CA ASN A 99 -13.82 -28.28 2.83
C ASN A 99 -14.33 -28.79 1.48
N ARG A 100 -13.56 -28.50 0.42
CA ARG A 100 -14.03 -28.79 -0.94
C ARG A 100 -14.15 -30.29 -1.17
N GLU A 101 -13.22 -31.06 -0.64
CA GLU A 101 -13.28 -32.50 -0.79
C GLU A 101 -14.43 -33.10 0.02
N GLN A 102 -14.69 -32.55 1.20
CA GLN A 102 -15.88 -32.95 1.94
C GLN A 102 -17.14 -32.69 1.15
N MET A 103 -17.19 -31.55 0.45
CA MET A 103 -18.36 -31.27 -0.37
C MET A 103 -18.48 -32.25 -1.52
N ALA A 104 -17.36 -32.67 -2.09
CA ALA A 104 -17.41 -33.69 -3.15
C ALA A 104 -17.90 -35.02 -2.63
N LEU A 105 -17.47 -35.39 -1.41
CA LEU A 105 -17.96 -36.62 -0.79
C LEU A 105 -19.45 -36.53 -0.48
N ASN A 106 -19.90 -35.37 -0.02
CA ASN A 106 -21.29 -35.23 0.43
C ASN A 106 -22.25 -35.06 -0.74
N HIS A 107 -21.83 -34.33 -1.78
CA HIS A 107 -22.73 -33.90 -2.85
C HIS A 107 -22.32 -34.39 -4.23
N GLY A 108 -21.15 -35.00 -4.37
CA GLY A 108 -20.67 -35.49 -5.64
C GLY A 108 -19.76 -34.49 -6.32
N GLU A 109 -18.82 -35.02 -7.10
CA GLU A 109 -17.86 -34.19 -7.82
C GLU A 109 -18.54 -33.28 -8.82
N GLU A 110 -19.59 -33.77 -9.50
CA GLU A 110 -20.22 -32.97 -10.54
C GLU A 110 -20.85 -31.72 -9.96
N GLN A 111 -21.53 -31.84 -8.82
CA GLN A 111 -22.14 -30.68 -8.18
C GLN A 111 -21.07 -29.70 -7.72
N VAL A 112 -19.98 -30.20 -7.14
CA VAL A 112 -18.91 -29.31 -6.70
C VAL A 112 -18.30 -28.56 -7.88
N ARG A 113 -18.13 -29.23 -9.01
CA ARG A 113 -17.61 -28.53 -10.18
C ARG A 113 -18.57 -27.43 -10.63
N LEU A 114 -19.89 -27.67 -10.60
CA LEU A 114 -20.81 -26.58 -10.90
C LEU A 114 -20.66 -25.43 -9.92
N TRP A 115 -20.63 -25.72 -8.63
CA TRP A 115 -20.48 -24.65 -7.64
C TRP A 115 -19.22 -23.85 -7.89
N ARG A 116 -18.11 -24.53 -8.18
CA ARG A 116 -16.81 -23.84 -8.28
C ARG A 116 -16.65 -23.09 -9.59
N ARG A 117 -17.09 -23.68 -10.71
CA ARG A 117 -16.67 -23.21 -12.02
C ARG A 117 -17.76 -22.84 -12.98
N SER A 118 -19.02 -23.19 -12.73
CA SER A 118 -20.04 -22.81 -13.69
C SER A 118 -20.29 -21.31 -13.70
N TYR A 119 -20.96 -20.84 -14.76
CA TYR A 119 -21.30 -19.43 -14.86
C TYR A 119 -22.52 -19.06 -14.04
N ASN A 120 -23.60 -19.87 -14.07
CA ASN A 120 -24.89 -19.42 -13.58
C ASN A 120 -25.28 -20.00 -12.23
N VAL A 121 -24.62 -21.04 -11.73
CA VAL A 121 -25.08 -21.67 -10.49
C VAL A 121 -24.64 -20.82 -9.30
N THR A 122 -25.56 -20.57 -8.40
CA THR A 122 -25.34 -19.72 -7.24
C THR A 122 -25.21 -20.57 -5.99
N PRO A 123 -24.16 -20.38 -5.19
CA PRO A 123 -24.05 -21.12 -3.95
C PRO A 123 -25.22 -20.80 -3.03
N PRO A 124 -25.57 -21.70 -2.12
CA PRO A 124 -26.57 -21.34 -1.11
C PRO A 124 -26.10 -20.11 -0.33
N PRO A 125 -27.00 -19.19 0.02
CA PRO A 125 -26.57 -17.94 0.66
C PRO A 125 -26.07 -18.14 2.08
N ILE A 126 -25.15 -17.26 2.48
CA ILE A 126 -24.69 -17.28 3.86
C ILE A 126 -25.77 -16.69 4.76
N GLU A 127 -25.98 -17.33 5.90
CA GLU A 127 -26.97 -16.91 6.87
C GLU A 127 -26.29 -16.36 8.12
N GLU A 128 -27.06 -15.62 8.92
CA GLU A 128 -26.51 -14.96 10.09
C GLU A 128 -25.90 -15.95 11.08
N SER A 129 -26.35 -17.19 11.07
CA SER A 129 -25.83 -18.23 11.95
C SER A 129 -24.49 -18.78 11.50
N HIS A 130 -24.04 -18.45 10.30
CA HIS A 130 -22.80 -19.01 9.79
C HIS A 130 -21.62 -18.49 10.61
N PRO A 131 -20.60 -19.31 10.87
CA PRO A 131 -19.52 -18.86 11.76
C PRO A 131 -18.72 -17.68 11.24
N TYR A 132 -18.78 -17.37 9.95
CA TYR A 132 -18.03 -16.26 9.38
C TYR A 132 -18.89 -15.07 9.00
N TYR A 133 -20.20 -15.11 9.29
CA TYR A 133 -21.07 -14.01 8.88
C TYR A 133 -20.67 -12.70 9.54
N GLN A 134 -20.54 -12.71 10.86
CA GLN A 134 -20.31 -11.45 11.57
C GLN A 134 -19.00 -10.81 11.15
N GLU A 135 -17.94 -11.60 11.02
CA GLU A 135 -16.65 -10.96 10.70
C GLU A 135 -16.63 -10.39 9.29
N ILE A 136 -17.44 -10.90 8.38
CA ILE A 136 -17.57 -10.27 7.07
C ILE A 136 -18.40 -9.00 7.16
N TYR A 137 -19.64 -9.11 7.61
CA TYR A 137 -20.58 -8.00 7.44
C TYR A 137 -20.44 -6.92 8.51
N ASN A 138 -19.70 -7.15 9.59
CA ASN A 138 -19.43 -6.09 10.56
C ASN A 138 -18.21 -5.26 10.20
N ASP A 139 -17.51 -5.60 9.12
CA ASP A 139 -16.23 -4.97 8.81
C ASP A 139 -16.45 -3.60 8.17
N ARG A 140 -15.71 -2.60 8.68
CA ARG A 140 -15.88 -1.23 8.21
C ARG A 140 -15.62 -1.09 6.71
N ARG A 141 -14.80 -1.97 6.13
CA ARG A 141 -14.51 -1.81 4.70
C ARG A 141 -15.78 -1.92 3.88
N TYR A 142 -16.80 -2.65 4.38
CA TYR A 142 -18.07 -2.82 3.67
C TYR A 142 -19.14 -1.85 4.12
N LYS A 143 -18.83 -0.95 5.06
CA LYS A 143 -19.71 0.15 5.40
C LYS A 143 -19.46 1.38 4.56
N VAL A 144 -18.34 1.42 3.85
CA VAL A 144 -17.91 2.59 3.09
C VAL A 144 -17.74 2.29 1.60
N CYS A 145 -18.36 1.20 1.14
N CYS A 145 -18.31 1.20 1.11
CA CYS A 145 -18.39 0.81 -0.27
CA CYS A 145 -18.20 0.96 -0.33
C CYS A 145 -19.35 1.69 -1.05
C CYS A 145 -19.41 1.56 -1.05
N ASP A 146 -19.39 1.49 -2.36
CA ASP A 146 -20.36 2.19 -3.21
C ASP A 146 -21.73 1.53 -3.22
N VAL A 147 -21.94 0.48 -2.43
CA VAL A 147 -23.24 -0.16 -2.26
C VAL A 147 -23.49 -0.26 -0.77
N PRO A 148 -24.72 -0.05 -0.29
CA PRO A 148 -24.97 -0.18 1.16
C PRO A 148 -24.70 -1.59 1.64
N LEU A 149 -24.22 -1.67 2.89
CA LEU A 149 -23.94 -2.96 3.51
C LEU A 149 -25.08 -3.95 3.28
N ASP A 150 -26.32 -3.49 3.44
CA ASP A 150 -27.48 -4.38 3.33
C ASP A 150 -27.70 -4.90 1.92
N GLN A 151 -27.12 -4.26 0.90
N GLN A 151 -27.12 -4.25 0.90
CA GLN A 151 -27.29 -4.69 -0.48
CA GLN A 151 -27.27 -4.66 -0.48
C GLN A 151 -26.10 -5.50 -1.01
C GLN A 151 -26.11 -5.51 -1.00
N LEU A 152 -25.06 -5.68 -0.22
CA LEU A 152 -23.95 -6.51 -0.66
C LEU A 152 -24.39 -7.97 -0.76
N PRO A 153 -23.76 -8.76 -1.64
CA PRO A 153 -24.21 -10.14 -1.85
C PRO A 153 -24.05 -10.99 -0.61
N ARG A 154 -24.93 -11.98 -0.49
CA ARG A 154 -24.78 -13.08 0.46
C ARG A 154 -24.37 -14.40 -0.23
N SER A 155 -24.26 -14.40 -1.56
CA SER A 155 -23.59 -15.42 -2.35
C SER A 155 -23.62 -14.92 -3.79
N GLU A 156 -22.76 -15.50 -4.63
CA GLU A 156 -22.63 -15.03 -6.01
C GLU A 156 -22.35 -16.20 -6.95
N SER A 157 -23.09 -16.26 -8.05
CA SER A 157 -22.63 -17.01 -9.21
C SER A 157 -21.49 -16.23 -9.88
N LEU A 158 -20.78 -16.89 -10.80
CA LEU A 158 -19.79 -16.16 -11.58
C LEU A 158 -20.42 -15.04 -12.39
N LYS A 159 -21.64 -15.25 -12.89
CA LYS A 159 -22.38 -14.20 -13.56
C LYS A 159 -22.58 -12.99 -12.65
N ASP A 160 -22.96 -13.24 -11.40
CA ASP A 160 -23.09 -12.15 -10.44
C ASP A 160 -21.76 -11.43 -10.25
N VAL A 161 -20.65 -12.17 -10.17
CA VAL A 161 -19.34 -11.53 -10.03
C VAL A 161 -19.09 -10.59 -11.21
N LEU A 162 -19.29 -11.08 -12.43
CA LEU A 162 -19.07 -10.23 -13.58
C LEU A 162 -19.97 -9.00 -13.55
N GLU A 163 -21.22 -9.16 -13.11
CA GLU A 163 -22.12 -8.01 -13.09
C GLU A 163 -21.64 -6.91 -12.14
N ARG A 164 -20.95 -7.26 -11.05
CA ARG A 164 -20.42 -6.22 -10.17
C ARG A 164 -18.99 -5.81 -10.49
N LEU A 165 -18.25 -6.64 -11.22
CA LEU A 165 -16.87 -6.32 -11.61
C LEU A 165 -16.79 -5.51 -12.90
N LEU A 166 -17.63 -5.85 -13.88
CA LEU A 166 -17.56 -5.20 -15.19
C LEU A 166 -17.70 -3.69 -15.10
N PRO A 167 -18.60 -3.12 -14.30
CA PRO A 167 -18.65 -1.65 -14.21
C PRO A 167 -17.35 -1.05 -13.72
N TYR A 168 -16.68 -1.72 -12.79
CA TYR A 168 -15.40 -1.22 -12.28
C TYR A 168 -14.33 -1.30 -13.37
N TRP A 169 -14.27 -2.40 -14.10
CA TRP A 169 -13.38 -2.48 -15.25
C TRP A 169 -13.67 -1.36 -16.25
N ASN A 170 -14.94 -1.22 -16.67
CA ASN A 170 -15.24 -0.25 -17.73
C ASN A 170 -14.98 1.18 -17.28
N GLU A 171 -15.30 1.51 -16.03
CA GLU A 171 -15.34 2.89 -15.59
C GLU A 171 -14.04 3.35 -14.96
N ARG A 172 -13.27 2.45 -14.36
CA ARG A 172 -12.06 2.81 -13.64
C ARG A 172 -10.79 2.25 -14.25
N ILE A 173 -10.76 0.99 -14.66
CA ILE A 173 -9.51 0.39 -15.13
C ILE A 173 -9.31 0.62 -16.62
N ALA A 174 -10.33 0.28 -17.42
CA ALA A 174 -10.19 0.36 -18.87
C ALA A 174 -9.82 1.75 -19.36
N PRO A 175 -10.34 2.84 -18.81
CA PRO A 175 -9.89 4.15 -19.29
C PRO A 175 -8.40 4.35 -19.09
N GLU A 176 -7.83 3.79 -18.02
CA GLU A 176 -6.39 3.93 -17.82
C GLU A 176 -5.61 3.12 -18.85
N VAL A 177 -6.13 1.95 -19.23
CA VAL A 177 -5.53 1.20 -20.32
C VAL A 177 -5.55 2.02 -21.61
N LEU A 178 -6.69 2.66 -21.90
CA LEU A 178 -6.81 3.46 -23.11
C LEU A 178 -5.97 4.74 -23.04
N ARG A 179 -5.54 5.17 -21.87
CA ARG A 179 -4.59 6.27 -21.72
C ARG A 179 -3.14 5.79 -21.88
N GLY A 180 -2.91 4.53 -22.20
CA GLY A 180 -1.58 3.99 -22.38
C GLY A 180 -0.85 3.64 -21.10
N LYS A 181 -1.54 3.59 -19.96
CA LYS A 181 -0.90 3.28 -18.69
C LYS A 181 -0.64 1.79 -18.57
N THR A 182 0.39 1.47 -17.80
CA THR A 182 0.76 0.08 -17.49
C THR A 182 0.14 -0.31 -16.15
N ILE A 183 -0.76 -1.28 -16.19
CA ILE A 183 -1.65 -1.61 -15.08
C ILE A 183 -1.38 -3.02 -14.55
N LEU A 184 -1.40 -3.14 -13.23
CA LEU A 184 -1.41 -4.43 -12.53
C LEU A 184 -2.78 -4.60 -11.86
N ILE A 185 -3.41 -5.75 -12.07
CA ILE A 185 -4.60 -6.16 -11.33
C ILE A 185 -4.22 -7.32 -10.43
N SER A 186 -4.28 -7.09 -9.12
CA SER A 186 -4.02 -8.11 -8.11
C SER A 186 -5.38 -8.54 -7.57
N ALA A 187 -5.87 -9.68 -8.05
CA ALA A 187 -7.22 -10.10 -7.73
C ALA A 187 -7.26 -11.55 -7.26
N HIS A 188 -8.33 -12.26 -7.58
CA HIS A 188 -8.61 -13.57 -6.99
C HIS A 188 -8.98 -14.53 -8.11
N GLY A 189 -9.12 -15.81 -7.77
CA GLY A 189 -9.38 -16.79 -8.81
C GLY A 189 -10.62 -16.50 -9.62
N ASN A 190 -11.75 -16.31 -8.94
CA ASN A 190 -12.99 -16.20 -9.69
C ASN A 190 -13.26 -14.79 -10.21
N SER A 191 -12.76 -13.76 -9.53
CA SER A 191 -12.87 -12.43 -10.11
C SER A 191 -12.01 -12.33 -11.37
N SER A 192 -10.84 -12.98 -11.36
CA SER A 192 -10.01 -13.01 -12.56
C SER A 192 -10.69 -13.81 -13.67
N ARG A 193 -11.30 -14.95 -13.34
CA ARG A 193 -11.99 -15.72 -14.36
C ARG A 193 -13.14 -14.92 -14.98
N ALA A 194 -13.87 -14.16 -14.16
CA ALA A 194 -14.96 -13.34 -14.69
C ALA A 194 -14.45 -12.33 -15.69
N LEU A 195 -13.35 -11.64 -15.36
CA LEU A 195 -12.81 -10.64 -16.28
C LEU A 195 -12.31 -11.30 -17.55
N LEU A 196 -11.63 -12.44 -17.44
CA LEU A 196 -11.18 -13.15 -18.63
C LEU A 196 -12.35 -13.58 -19.50
N LYS A 197 -13.43 -14.05 -18.88
CA LYS A 197 -14.58 -14.46 -19.67
C LYS A 197 -15.05 -13.31 -20.55
N HIS A 198 -15.14 -12.12 -19.95
CA HIS A 198 -15.57 -10.94 -20.68
C HIS A 198 -14.56 -10.57 -21.77
N LEU A 199 -13.29 -10.46 -21.42
CA LEU A 199 -12.31 -9.94 -22.36
C LEU A 199 -12.06 -10.89 -23.53
N GLU A 200 -12.12 -12.20 -23.30
CA GLU A 200 -11.90 -13.19 -24.34
C GLU A 200 -13.17 -13.65 -25.02
N GLY A 201 -14.34 -13.22 -24.55
CA GLY A 201 -15.58 -13.68 -25.16
C GLY A 201 -15.80 -15.17 -24.98
N ILE A 202 -15.40 -15.70 -23.82
CA ILE A 202 -15.61 -17.12 -23.56
C ILE A 202 -17.09 -17.36 -23.27
N SER A 203 -17.64 -18.44 -23.84
CA SER A 203 -19.07 -18.69 -23.70
C SER A 203 -19.43 -19.11 -22.27
N ASP A 204 -20.72 -18.98 -21.96
CA ASP A 204 -21.20 -19.37 -20.64
C ASP A 204 -20.84 -20.83 -20.36
N GLU A 205 -20.92 -21.68 -21.39
CA GLU A 205 -20.59 -23.09 -21.20
C GLU A 205 -19.10 -23.33 -21.03
N ASP A 206 -18.25 -22.66 -21.82
CA ASP A 206 -16.81 -22.97 -21.84
C ASP A 206 -16.06 -22.43 -20.61
N ILE A 207 -16.59 -21.40 -19.94
CA ILE A 207 -15.84 -20.87 -18.79
C ILE A 207 -15.65 -21.89 -17.69
N ILE A 208 -16.52 -22.91 -17.61
CA ILE A 208 -16.42 -23.95 -16.59
C ILE A 208 -15.09 -24.69 -16.67
N ASN A 209 -14.43 -24.69 -17.82
CA ASN A 209 -13.19 -25.42 -18.00
C ASN A 209 -11.94 -24.60 -17.72
N ILE A 210 -12.08 -23.34 -17.31
CA ILE A 210 -10.95 -22.46 -17.04
C ILE A 210 -10.68 -22.46 -15.55
N THR A 211 -9.46 -22.86 -15.17
CA THR A 211 -8.97 -22.78 -13.80
C THR A 211 -7.64 -22.02 -13.81
N LEU A 212 -7.46 -21.09 -12.86
CA LEU A 212 -6.25 -20.29 -12.81
C LEU A 212 -5.35 -20.73 -11.65
N PRO A 213 -4.06 -20.85 -11.90
CA PRO A 213 -3.12 -21.19 -10.82
C PRO A 213 -2.83 -19.98 -9.96
N THR A 214 -2.45 -20.24 -8.70
CA THR A 214 -2.13 -19.14 -7.80
C THR A 214 -0.75 -18.56 -8.09
N GLY A 215 -0.62 -17.25 -7.89
CA GLY A 215 0.70 -16.63 -7.92
C GLY A 215 1.42 -16.73 -9.25
N VAL A 216 0.69 -16.61 -10.35
CA VAL A 216 1.25 -16.72 -11.69
C VAL A 216 0.79 -15.52 -12.52
N PRO A 217 1.67 -14.68 -13.04
CA PRO A 217 1.20 -13.53 -13.83
C PRO A 217 0.55 -13.97 -15.13
N ILE A 218 -0.53 -13.30 -15.44
CA ILE A 218 -1.20 -13.40 -16.74
C ILE A 218 -0.93 -12.10 -17.48
N LEU A 219 -0.18 -12.15 -18.58
CA LEU A 219 0.09 -10.96 -19.38
C LEU A 219 -0.94 -10.89 -20.50
N LEU A 220 -1.97 -10.07 -20.29
CA LEU A 220 -3.10 -9.95 -21.19
C LEU A 220 -2.80 -8.99 -22.33
N GLU A 221 -3.22 -9.34 -23.54
CA GLU A 221 -2.98 -8.50 -24.71
C GLU A 221 -4.33 -8.13 -25.32
N LEU A 222 -4.63 -6.83 -25.39
CA LEU A 222 -5.92 -6.32 -25.81
C LEU A 222 -5.77 -5.48 -27.07
N ASP A 223 -6.83 -5.49 -27.87
CA ASP A 223 -6.83 -4.71 -29.10
C ASP A 223 -7.40 -3.32 -28.85
N GLU A 224 -7.56 -2.54 -29.93
CA GLU A 224 -8.06 -1.18 -29.82
C GLU A 224 -9.46 -1.10 -29.24
N ASN A 225 -10.23 -2.19 -29.27
CA ASN A 225 -11.56 -2.20 -28.66
C ASN A 225 -11.55 -2.83 -27.27
N LEU A 226 -10.38 -3.01 -26.68
CA LEU A 226 -10.25 -3.54 -25.34
C LEU A 226 -10.75 -4.97 -25.23
N ARG A 227 -10.58 -5.76 -26.28
CA ARG A 227 -10.88 -7.18 -26.25
C ARG A 227 -9.62 -7.98 -26.50
N ALA A 228 -9.57 -9.18 -25.93
CA ALA A 228 -8.34 -9.96 -26.00
C ALA A 228 -8.02 -10.35 -27.43
N VAL A 229 -6.73 -10.34 -27.76
CA VAL A 229 -6.25 -10.76 -29.07
C VAL A 229 -6.21 -12.28 -29.20
N GLY A 230 -6.04 -13.00 -28.10
CA GLY A 230 -5.98 -14.45 -28.09
C GLY A 230 -6.16 -14.98 -26.67
N PRO A 231 -6.09 -16.31 -26.49
CA PRO A 231 -6.29 -16.87 -25.15
C PRO A 231 -5.21 -16.43 -24.18
N HIS A 232 -5.59 -16.26 -22.92
CA HIS A 232 -4.63 -15.78 -21.92
C HIS A 232 -3.45 -16.74 -21.82
N GLN A 233 -2.29 -16.18 -21.51
CA GLN A 233 -1.09 -16.97 -21.32
C GLN A 233 -0.47 -16.64 -19.97
N PHE A 234 0.24 -17.61 -19.43
CA PHE A 234 0.84 -17.53 -18.11
C PHE A 234 2.34 -17.39 -18.25
N LEU A 235 2.93 -16.49 -17.44
CA LEU A 235 4.38 -16.36 -17.38
C LEU A 235 4.94 -17.38 -16.41
N GLY A 236 5.83 -18.21 -16.87
CA GLY A 236 6.53 -19.16 -16.03
C GLY A 236 6.69 -20.48 -16.74
N ASP A 237 7.07 -21.51 -15.97
CA ASP A 237 7.31 -22.83 -16.52
C ASP A 237 5.97 -23.52 -16.77
N GLN A 238 5.68 -23.85 -18.03
CA GLN A 238 4.34 -24.29 -18.38
C GLN A 238 4.00 -25.63 -17.75
N GLU A 239 4.97 -26.54 -17.62
CA GLU A 239 4.66 -27.82 -16.96
C GLU A 239 4.30 -27.59 -15.50
N ALA A 240 5.03 -26.71 -14.81
CA ALA A 240 4.70 -26.45 -13.41
C ALA A 240 3.35 -25.77 -13.31
N ILE A 241 3.04 -24.88 -14.24
CA ILE A 241 1.75 -24.19 -14.22
C ILE A 241 0.61 -25.18 -14.45
N GLN A 242 0.78 -26.10 -15.39
CA GLN A 242 -0.28 -27.07 -15.63
C GLN A 242 -0.45 -28.00 -14.45
N ALA A 243 0.64 -28.37 -13.79
CA ALA A 243 0.51 -29.18 -12.58
C ALA A 243 -0.21 -28.41 -11.49
N ALA A 244 0.05 -27.11 -11.37
CA ALA A 244 -0.63 -26.30 -10.36
C ALA A 244 -2.12 -26.15 -10.69
N ILE A 245 -2.47 -26.01 -11.97
CA ILE A 245 -3.88 -26.00 -12.36
C ILE A 245 -4.56 -27.32 -11.98
N LYS A 246 -3.89 -28.45 -12.28
CA LYS A 246 -4.46 -29.74 -11.94
C LYS A 246 -4.67 -29.88 -10.42
N LYS A 247 -3.73 -29.34 -9.62
CA LYS A 247 -3.89 -29.37 -8.18
C LYS A 247 -5.17 -28.64 -7.74
N VAL A 248 -5.44 -27.49 -8.36
CA VAL A 248 -6.63 -26.74 -8.00
C VAL A 248 -7.88 -27.52 -8.41
N GLU A 249 -7.88 -28.10 -9.61
CA GLU A 249 -9.01 -28.93 -10.04
C GLU A 249 -9.21 -30.10 -9.08
N ASP A 250 -8.12 -30.72 -8.66
CA ASP A 250 -8.21 -31.92 -7.82
C ASP A 250 -8.68 -31.64 -6.42
N GLN A 251 -8.67 -30.38 -5.96
CA GLN A 251 -9.26 -30.07 -4.67
C GLN A 251 -10.74 -30.44 -4.60
N GLY A 252 -11.41 -30.52 -5.74
CA GLY A 252 -12.84 -30.81 -5.77
C GLY A 252 -13.14 -32.26 -6.10
N LYS A 253 -12.15 -33.13 -5.99
CA LYS A 253 -12.27 -34.53 -6.38
C LYS A 253 -12.03 -35.44 -5.20
N VAL A 254 -12.69 -36.59 -5.28
CA VAL A 254 -12.48 -37.69 -4.36
C VAL A 254 -11.16 -38.38 -4.68
N LYS A 255 -10.40 -38.72 -3.65
CA LYS A 255 -9.09 -39.33 -3.85
C LYS A 255 -9.28 -40.81 -4.17
N GLN A 256 -8.74 -41.23 -5.32
CA GLN A 256 -8.84 -42.63 -5.74
C GLN A 256 -7.84 -43.49 -4.97
N SER B 2 -11.49 18.73 20.63
CA SER B 2 -11.38 19.57 19.45
C SER B 2 -12.28 19.06 18.35
N LYS B 3 -12.49 19.89 17.32
CA LYS B 3 -13.41 19.47 16.27
C LYS B 3 -12.81 18.37 15.39
N TYR B 4 -11.50 18.39 15.16
CA TYR B 4 -10.85 17.39 14.31
C TYR B 4 -9.61 16.86 14.98
N LYS B 5 -9.23 15.65 14.60
CA LYS B 5 -7.99 15.02 15.05
C LYS B 5 -7.24 14.43 13.85
N LEU B 6 -5.93 14.59 13.88
CA LEU B 6 -5.01 14.18 12.83
C LEU B 6 -3.86 13.40 13.48
N ILE B 7 -3.35 12.36 12.83
CA ILE B 7 -2.13 11.69 13.27
C ILE B 7 -1.04 11.92 12.23
N MET B 8 0.14 12.32 12.68
CA MET B 8 1.30 12.34 11.82
CA MET B 8 1.32 12.40 11.85
C MET B 8 2.45 11.67 12.54
N LEU B 9 3.44 11.21 11.77
CA LEU B 9 4.61 10.60 12.36
C LEU B 9 5.75 10.61 11.36
N ARG B 10 6.96 10.45 11.88
CA ARG B 10 8.12 10.15 11.06
C ARG B 10 8.44 8.66 11.23
N HIS B 11 8.99 8.06 10.18
CA HIS B 11 9.29 6.63 10.19
C HIS B 11 10.41 6.29 11.20
N GLY B 12 10.52 4.99 11.48
CA GLY B 12 11.59 4.46 12.28
C GLY B 12 12.90 4.39 11.51
N GLU B 13 13.88 3.77 12.16
CA GLU B 13 15.24 3.81 11.66
C GLU B 13 15.34 3.24 10.26
N GLY B 14 16.08 3.96 9.42
CA GLY B 14 16.43 3.50 8.10
C GLY B 14 17.84 2.94 8.08
N ALA B 15 18.23 2.51 6.89
CA ALA B 15 19.46 1.73 6.74
C ALA B 15 20.73 2.57 6.92
N TRP B 16 20.63 3.90 7.06
CA TRP B 16 21.77 4.78 7.32
C TRP B 16 21.78 5.33 8.74
N ASN B 17 20.82 4.94 9.58
CA ASN B 17 20.74 5.45 10.94
C ASN B 17 21.92 5.00 11.77
N LYS B 18 22.26 3.71 11.69
CA LYS B 18 23.37 3.21 12.50
C LYS B 18 24.70 3.82 12.04
N GLU B 19 24.85 4.07 10.74
CA GLU B 19 26.01 4.77 10.21
C GLU B 19 25.95 6.28 10.43
N ASN B 20 24.80 6.79 10.87
CA ASN B 20 24.62 8.20 11.21
C ASN B 20 24.92 9.13 10.04
N ARG B 21 24.32 8.84 8.90
CA ARG B 21 24.49 9.62 7.68
C ARG B 21 23.20 10.31 7.31
N PHE B 22 23.30 11.56 6.85
CA PHE B 22 22.15 12.26 6.29
C PHE B 22 21.60 11.49 5.11
N CYS B 23 20.31 11.14 5.18
CA CYS B 23 19.70 10.32 4.15
C CYS B 23 18.88 11.14 3.16
N SER B 24 17.92 11.91 3.66
CA SER B 24 17.20 12.89 2.81
C SER B 24 16.55 12.16 1.63
N TRP B 25 16.74 12.62 0.40
CA TRP B 25 16.04 12.05 -0.75
C TRP B 25 16.65 10.74 -1.25
N VAL B 26 17.73 10.24 -0.65
CA VAL B 26 18.18 8.89 -0.98
C VAL B 26 17.15 7.91 -0.47
N ASP B 27 16.76 6.97 -1.32
CA ASP B 27 15.58 6.14 -1.06
C ASP B 27 15.93 4.86 -0.27
N GLN B 28 16.55 5.06 0.90
CA GLN B 28 16.93 3.93 1.73
C GLN B 28 15.70 3.29 2.38
N LYS B 29 15.77 1.98 2.56
CA LYS B 29 14.68 1.26 3.19
C LYS B 29 14.80 1.31 4.71
N LEU B 30 13.69 1.02 5.37
CA LEU B 30 13.70 0.75 6.80
C LEU B 30 14.62 -0.43 7.09
N ASN B 31 15.24 -0.40 8.26
CA ASN B 31 15.93 -1.59 8.76
C ASN B 31 14.97 -2.38 9.65
N SER B 32 15.47 -3.47 10.23
CA SER B 32 14.62 -4.33 11.03
C SER B 32 14.02 -3.56 12.19
N GLU B 33 14.82 -2.72 12.85
CA GLU B 33 14.31 -1.94 13.96
C GLU B 33 13.26 -0.94 13.51
N GLY B 34 13.45 -0.31 12.35
CA GLY B 34 12.47 0.64 11.86
C GLY B 34 11.16 -0.01 11.48
N MET B 35 11.22 -1.24 10.98
CA MET B 35 9.99 -1.97 10.72
C MET B 35 9.24 -2.25 12.01
N GLU B 36 9.96 -2.66 13.06
CA GLU B 36 9.33 -2.90 14.34
C GLU B 36 8.74 -1.62 14.92
N GLU B 37 9.43 -0.49 14.75
CA GLU B 37 8.87 0.77 15.21
C GLU B 37 7.52 1.07 14.55
N ALA B 38 7.41 0.79 13.25
CA ALA B 38 6.13 1.02 12.58
C ALA B 38 5.05 0.09 13.13
N ARG B 39 5.41 -1.18 13.35
N ARG B 39 5.40 -1.17 13.37
CA ARG B 39 4.44 -2.10 13.96
CA ARG B 39 4.42 -2.09 13.96
C ARG B 39 4.00 -1.60 15.33
C ARG B 39 4.00 -1.62 15.34
N ASN B 40 4.94 -1.10 16.13
CA ASN B 40 4.59 -0.58 17.45
C ASN B 40 3.65 0.62 17.33
N CYS B 41 3.89 1.50 16.34
N CYS B 41 3.88 1.45 16.31
CA CYS B 41 2.96 2.60 16.08
CA CYS B 41 2.98 2.57 16.09
C CYS B 41 1.57 2.06 15.78
C CYS B 41 1.58 2.10 15.74
N GLY B 42 1.48 1.09 14.88
CA GLY B 42 0.18 0.52 14.55
C GLY B 42 -0.53 -0.06 15.75
N LYS B 43 0.21 -0.77 16.62
CA LYS B 43 -0.38 -1.33 17.82
C LYS B 43 -0.88 -0.23 18.75
N GLN B 44 -0.11 0.84 18.89
CA GLN B 44 -0.54 1.95 19.73
C GLN B 44 -1.80 2.61 19.18
N LEU B 45 -1.88 2.76 17.86
CA LEU B 45 -3.06 3.37 17.25
C LEU B 45 -4.28 2.45 17.36
N LYS B 46 -4.08 1.14 17.23
CA LYS B 46 -5.17 0.19 17.43
C LYS B 46 -5.71 0.27 18.85
N ALA B 47 -4.80 0.39 19.83
CA ALA B 47 -5.21 0.46 21.24
C ALA B 47 -6.07 1.68 21.53
N LEU B 48 -5.96 2.71 20.68
CA LEU B 48 -6.71 3.95 20.83
C LEU B 48 -7.87 4.06 19.85
N ASN B 49 -8.17 2.97 19.14
CA ASN B 49 -9.35 2.84 18.28
C ASN B 49 -9.28 3.68 17.01
N PHE B 50 -8.09 4.03 16.53
CA PHE B 50 -8.03 4.83 15.32
C PHE B 50 -8.54 4.06 14.11
N GLU B 51 -9.45 4.68 13.38
CA GLU B 51 -10.02 4.13 12.15
C GLU B 51 -9.75 5.13 11.04
N PHE B 52 -8.70 4.89 10.28
CA PHE B 52 -8.31 5.86 9.28
C PHE B 52 -9.19 5.74 8.04
N ASP B 53 -9.38 6.88 7.40
CA ASP B 53 -10.10 6.96 6.13
C ASP B 53 -9.19 7.23 4.96
N LEU B 54 -8.01 7.80 5.18
CA LEU B 54 -7.07 8.14 4.13
C LEU B 54 -5.71 8.25 4.77
N VAL B 55 -4.67 7.84 4.03
CA VAL B 55 -3.28 7.94 4.46
C VAL B 55 -2.50 8.71 3.40
N PHE B 56 -1.68 9.67 3.84
CA PHE B 56 -0.78 10.40 2.96
C PHE B 56 0.65 10.08 3.33
N THR B 57 1.49 9.87 2.32
CA THR B 57 2.90 9.53 2.52
C THR B 57 3.75 10.36 1.56
N SER B 58 5.07 10.30 1.75
CA SER B 58 5.98 10.81 0.74
C SER B 58 6.16 9.76 -0.36
N VAL B 59 7.02 10.07 -1.35
CA VAL B 59 7.37 9.06 -2.35
C VAL B 59 8.63 8.29 -1.98
N LEU B 60 9.20 8.52 -0.81
CA LEU B 60 10.32 7.73 -0.34
C LEU B 60 9.76 6.46 0.29
N ASN B 61 10.31 5.31 -0.11
CA ASN B 61 9.69 4.04 0.25
C ASN B 61 9.61 3.83 1.75
N ARG B 62 10.54 4.42 2.53
CA ARG B 62 10.49 4.16 3.96
C ARG B 62 9.24 4.74 4.60
N SER B 63 8.68 5.84 4.07
CA SER B 63 7.42 6.35 4.61
C SER B 63 6.24 5.49 4.17
N ILE B 64 6.33 4.92 2.97
CA ILE B 64 5.24 4.08 2.45
C ILE B 64 5.21 2.76 3.19
N HIS B 65 6.37 2.12 3.35
CA HIS B 65 6.41 0.88 4.13
C HIS B 65 5.95 1.10 5.56
N THR B 66 6.26 2.25 6.16
CA THR B 66 5.78 2.56 7.50
C THR B 66 4.26 2.57 7.52
N ALA B 67 3.65 3.24 6.54
CA ALA B 67 2.19 3.25 6.43
C ALA B 67 1.62 1.84 6.27
N TRP B 68 2.21 1.05 5.37
CA TRP B 68 1.71 -0.30 5.12
C TRP B 68 1.78 -1.15 6.38
N LEU B 69 2.87 -1.05 7.15
CA LEU B 69 2.99 -1.82 8.38
C LEU B 69 1.97 -1.38 9.42
N ILE B 70 1.74 -0.07 9.51
CA ILE B 70 0.72 0.45 10.42
C ILE B 70 -0.65 -0.09 10.02
N LEU B 71 -0.99 0.02 8.74
CA LEU B 71 -2.29 -0.46 8.29
C LEU B 71 -2.46 -1.96 8.52
N GLU B 72 -1.39 -2.75 8.36
CA GLU B 72 -1.49 -4.17 8.64
C GLU B 72 -1.81 -4.41 10.11
N GLU B 73 -1.11 -3.72 11.02
CA GLU B 73 -1.41 -3.88 12.44
C GLU B 73 -2.85 -3.51 12.76
N LEU B 74 -3.40 -2.52 12.07
CA LEU B 74 -4.77 -2.08 12.28
C LEU B 74 -5.80 -2.94 11.56
N GLY B 75 -5.39 -3.84 10.68
CA GLY B 75 -6.35 -4.51 9.82
C GLY B 75 -7.05 -3.56 8.88
N GLN B 76 -6.36 -2.50 8.44
CA GLN B 76 -6.91 -1.44 7.61
C GLN B 76 -6.16 -1.33 6.28
N GLU B 77 -5.68 -2.46 5.73
CA GLU B 77 -4.89 -2.41 4.52
C GLU B 77 -5.69 -1.87 3.33
N TRP B 78 -7.01 -1.91 3.39
CA TRP B 78 -7.87 -1.42 2.33
C TRP B 78 -7.98 0.11 2.30
N VAL B 79 -7.48 0.81 3.32
CA VAL B 79 -7.67 2.26 3.39
C VAL B 79 -6.81 2.94 2.32
N PRO B 80 -7.35 3.90 1.57
CA PRO B 80 -6.58 4.50 0.47
C PRO B 80 -5.31 5.20 0.95
N VAL B 81 -4.25 5.00 0.19
CA VAL B 81 -2.96 5.67 0.39
C VAL B 81 -2.70 6.57 -0.81
N GLU B 82 -2.22 7.78 -0.54
CA GLU B 82 -1.76 8.68 -1.59
C GLU B 82 -0.37 9.18 -1.20
N SER B 83 0.51 9.27 -2.20
CA SER B 83 1.91 9.61 -1.98
C SER B 83 2.29 10.83 -2.80
N SER B 84 3.13 11.69 -2.22
CA SER B 84 3.56 12.90 -2.91
C SER B 84 4.98 13.27 -2.51
N TRP B 85 5.77 13.73 -3.49
CA TRP B 85 7.08 14.28 -3.16
C TRP B 85 6.99 15.46 -2.20
N ARG B 86 5.83 16.11 -2.11
CA ARG B 86 5.70 17.29 -1.25
C ARG B 86 5.74 16.94 0.22
N LEU B 87 5.64 15.66 0.58
CA LEU B 87 5.87 15.18 1.93
C LEU B 87 7.27 14.60 2.13
N ASN B 88 8.13 14.65 1.10
CA ASN B 88 9.48 14.13 1.24
C ASN B 88 10.23 14.83 2.37
N GLU B 89 11.20 14.10 2.91
CA GLU B 89 12.18 14.69 3.82
C GLU B 89 12.82 15.92 3.19
N ARG B 90 13.29 16.82 4.05
CA ARG B 90 14.05 17.97 3.57
C ARG B 90 15.23 17.51 2.73
N HIS B 91 15.48 18.23 1.65
CA HIS B 91 16.61 17.94 0.78
C HIS B 91 17.87 18.55 1.38
N TYR B 92 18.79 17.70 1.84
CA TYR B 92 20.02 18.14 2.49
C TYR B 92 21.14 18.50 1.52
N GLY B 93 20.89 18.47 0.22
CA GLY B 93 21.88 18.96 -0.73
C GLY B 93 23.17 18.18 -0.67
N ALA B 94 24.29 18.92 -0.69
CA ALA B 94 25.60 18.27 -0.67
C ALA B 94 25.87 17.51 0.62
N LEU B 95 25.11 17.78 1.69
CA LEU B 95 25.34 17.05 2.93
C LEU B 95 24.82 15.62 2.88
N ILE B 96 24.03 15.25 1.88
CA ILE B 96 23.53 13.89 1.75
C ILE B 96 24.68 12.91 1.79
N GLY B 97 24.55 11.87 2.62
CA GLY B 97 25.55 10.83 2.71
C GLY B 97 26.66 11.09 3.71
N LEU B 98 26.79 12.33 4.21
CA LEU B 98 27.84 12.64 5.16
C LEU B 98 27.44 12.22 6.57
N ASN B 99 28.44 11.91 7.39
CA ASN B 99 28.25 11.43 8.75
C ASN B 99 28.07 12.63 9.69
N ARG B 100 26.98 12.64 10.44
CA ARG B 100 26.63 13.81 11.26
C ARG B 100 27.67 14.03 12.36
N GLU B 101 28.14 12.95 12.97
CA GLU B 101 29.10 13.06 14.06
C GLU B 101 30.45 13.56 13.53
N GLN B 102 30.87 13.04 12.38
CA GLN B 102 32.11 13.51 11.78
C GLN B 102 32.01 14.99 11.46
N MET B 103 30.86 15.41 10.96
CA MET B 103 30.69 16.83 10.66
CA MET B 103 30.66 16.83 10.66
C MET B 103 30.75 17.67 11.92
N ALA B 104 30.20 17.16 13.04
CA ALA B 104 30.29 17.89 14.30
C ALA B 104 31.74 17.95 14.78
N LEU B 105 32.49 16.88 14.59
CA LEU B 105 33.90 16.88 14.97
C LEU B 105 34.67 17.89 14.13
N ASN B 106 34.42 17.92 12.83
CA ASN B 106 35.19 18.79 11.92
C ASN B 106 34.77 20.25 12.00
N HIS B 107 33.47 20.52 12.24
CA HIS B 107 32.93 21.88 12.11
C HIS B 107 32.33 22.42 13.39
N GLY B 108 32.12 21.59 14.40
CA GLY B 108 31.51 22.03 15.64
C GLY B 108 30.07 21.56 15.75
N GLU B 109 29.70 21.09 16.94
CA GLU B 109 28.33 20.65 17.16
C GLU B 109 27.34 21.75 16.84
N GLU B 110 27.69 23.01 17.11
CA GLU B 110 26.76 24.11 16.86
C GLU B 110 26.50 24.27 15.38
N GLN B 111 27.51 24.01 14.56
CA GLN B 111 27.32 24.15 13.12
C GLN B 111 26.38 23.09 12.61
N VAL B 112 26.54 21.85 13.11
CA VAL B 112 25.64 20.77 12.71
C VAL B 112 24.23 21.04 13.20
N ARG B 113 24.09 21.54 14.44
N ARG B 113 24.08 21.53 14.45
CA ARG B 113 22.75 21.87 14.95
CA ARG B 113 22.75 21.85 14.93
C ARG B 113 22.09 22.92 14.07
C ARG B 113 22.09 22.90 14.04
N LEU B 114 22.85 23.92 13.63
CA LEU B 114 22.30 24.93 12.75
C LEU B 114 21.83 24.30 11.44
N TRP B 115 22.68 23.46 10.84
CA TRP B 115 22.30 22.82 9.58
C TRP B 115 21.04 21.98 9.76
N ARG B 116 20.93 21.25 10.87
CA ARG B 116 19.83 20.31 11.05
C ARG B 116 18.54 21.00 11.39
N ARG B 117 18.57 22.04 12.21
CA ARG B 117 17.36 22.54 12.84
C ARG B 117 16.97 23.96 12.50
N SER B 118 17.83 24.74 11.85
CA SER B 118 17.46 26.11 11.52
CA SER B 118 17.48 26.10 11.50
C SER B 118 16.25 26.12 10.61
N TYR B 119 15.48 27.21 10.70
CA TYR B 119 14.37 27.41 9.79
C TYR B 119 14.85 27.96 8.45
N ASN B 120 15.83 28.86 8.47
CA ASN B 120 16.17 29.66 7.31
C ASN B 120 17.40 29.17 6.53
N VAL B 121 18.32 28.42 7.15
CA VAL B 121 19.58 28.09 6.49
C VAL B 121 19.37 27.01 5.44
N THR B 122 19.87 27.26 4.22
CA THR B 122 19.78 26.32 3.11
C THR B 122 21.10 25.58 2.93
N PRO B 123 21.11 24.24 2.92
CA PRO B 123 22.36 23.52 2.67
C PRO B 123 22.90 23.86 1.30
N PRO B 124 24.20 23.68 1.06
CA PRO B 124 24.71 23.81 -0.31
C PRO B 124 24.00 22.85 -1.24
N PRO B 125 23.70 23.25 -2.46
CA PRO B 125 22.97 22.36 -3.37
C PRO B 125 23.79 21.13 -3.73
N ILE B 126 23.09 20.03 -3.98
CA ILE B 126 23.75 18.83 -4.46
C ILE B 126 24.16 19.05 -5.92
N GLU B 127 25.39 18.67 -6.24
CA GLU B 127 25.94 18.83 -7.57
C GLU B 127 25.97 17.48 -8.29
N GLU B 128 26.08 17.54 -9.62
CA GLU B 128 26.06 16.31 -10.42
C GLU B 128 27.20 15.37 -10.09
N SER B 129 28.30 15.87 -9.54
CA SER B 129 29.41 15.02 -9.12
C SER B 129 29.16 14.31 -7.80
N HIS B 130 28.10 14.67 -7.08
CA HIS B 130 27.83 14.05 -5.80
C HIS B 130 27.50 12.56 -6.02
N PRO B 131 27.97 11.67 -5.14
CA PRO B 131 27.75 10.24 -5.38
C PRO B 131 26.28 9.83 -5.44
N TYR B 132 25.35 10.63 -4.92
CA TYR B 132 23.94 10.27 -4.87
C TYR B 132 23.07 11.10 -5.81
N TYR B 133 23.66 11.93 -6.66
CA TYR B 133 22.87 12.78 -7.55
C TYR B 133 22.08 11.93 -8.55
N GLN B 134 22.75 11.01 -9.24
CA GLN B 134 22.11 10.31 -10.34
C GLN B 134 20.96 9.45 -9.84
N GLU B 135 21.14 8.76 -8.71
CA GLU B 135 20.07 7.87 -8.28
C GLU B 135 18.85 8.62 -7.78
N ILE B 136 18.99 9.88 -7.39
CA ILE B 136 17.84 10.71 -7.06
C ILE B 136 17.14 11.18 -8.34
N TYR B 137 17.85 11.90 -9.20
CA TYR B 137 17.17 12.64 -10.26
C TYR B 137 16.83 11.79 -11.48
N ASN B 138 17.35 10.57 -11.58
CA ASN B 138 16.99 9.68 -12.68
C ASN B 138 15.79 8.81 -12.35
N ASP B 139 15.26 8.91 -11.16
CA ASP B 139 14.21 8.01 -10.73
C ASP B 139 12.87 8.40 -11.35
N ARG B 140 12.15 7.40 -11.86
CA ARG B 140 10.88 7.66 -12.52
C ARG B 140 9.89 8.37 -11.63
N ARG B 141 9.95 8.16 -10.31
CA ARG B 141 8.97 8.82 -9.44
C ARG B 141 9.04 10.35 -9.58
N TYR B 142 10.20 10.89 -9.96
CA TYR B 142 10.36 12.34 -10.12
C TYR B 142 10.14 12.81 -11.55
N LYS B 143 9.88 11.89 -12.48
CA LYS B 143 9.50 12.27 -13.84
C LYS B 143 8.00 12.43 -13.98
N VAL B 144 7.22 11.96 -13.01
CA VAL B 144 5.77 11.98 -13.05
C VAL B 144 5.18 12.80 -11.91
N CYS B 145 5.96 13.67 -11.28
N CYS B 145 5.98 13.68 -11.32
CA CYS B 145 5.37 14.47 -10.22
CA CYS B 145 5.54 14.59 -10.26
C CYS B 145 4.85 15.79 -10.81
C CYS B 145 4.68 15.70 -10.84
N ASP B 146 4.21 16.59 -9.95
CA ASP B 146 3.43 17.74 -10.38
C ASP B 146 4.27 18.95 -10.77
N VAL B 147 5.60 18.84 -10.76
CA VAL B 147 6.44 19.87 -11.37
C VAL B 147 7.50 19.17 -12.21
N PRO B 148 8.04 19.86 -13.21
CA PRO B 148 9.07 19.25 -14.05
C PRO B 148 10.30 18.87 -13.24
N LEU B 149 10.99 17.83 -13.71
CA LEU B 149 12.19 17.33 -13.04
C LEU B 149 13.19 18.44 -12.78
N ASP B 150 13.44 19.31 -13.76
CA ASP B 150 14.42 20.37 -13.56
C ASP B 150 13.94 21.44 -12.57
N GLN B 151 12.69 21.39 -12.11
CA GLN B 151 12.19 22.33 -11.11
C GLN B 151 12.27 21.79 -9.69
N LEU B 152 12.61 20.53 -9.51
CA LEU B 152 12.69 19.97 -8.16
C LEU B 152 13.91 20.57 -7.44
N PRO B 153 13.84 20.69 -6.12
CA PRO B 153 14.95 21.31 -5.38
C PRO B 153 16.23 20.49 -5.46
N ARG B 154 17.35 21.20 -5.35
CA ARG B 154 18.66 20.59 -5.14
C ARG B 154 19.17 20.78 -3.71
N SER B 155 18.45 21.55 -2.89
CA SER B 155 18.62 21.60 -1.43
C SER B 155 17.49 22.47 -0.91
N GLU B 156 17.22 22.37 0.39
CA GLU B 156 16.09 23.06 0.99
C GLU B 156 16.40 23.45 2.43
N SER B 157 16.07 24.70 2.78
CA SER B 157 15.87 25.04 4.17
C SER B 157 14.52 24.47 4.63
N LEU B 158 14.31 24.50 5.94
CA LEU B 158 13.01 24.10 6.45
C LEU B 158 11.91 25.02 5.93
N LYS B 159 12.21 26.31 5.79
CA LYS B 159 11.27 27.23 5.16
C LYS B 159 10.91 26.77 3.74
N ASP B 160 11.92 26.34 2.96
CA ASP B 160 11.64 25.82 1.62
C ASP B 160 10.73 24.60 1.69
N VAL B 161 10.97 23.72 2.65
CA VAL B 161 10.11 22.54 2.80
C VAL B 161 8.66 22.98 3.02
N LEU B 162 8.43 23.89 3.94
CA LEU B 162 7.07 24.33 4.19
C LEU B 162 6.45 24.92 2.93
N GLU B 163 7.23 25.69 2.18
CA GLU B 163 6.69 26.31 0.98
C GLU B 163 6.20 25.30 -0.06
N ARG B 164 6.87 24.14 -0.17
CA ARG B 164 6.40 23.13 -1.13
C ARG B 164 5.43 22.12 -0.50
N LEU B 165 5.37 22.03 0.82
CA LEU B 165 4.42 21.16 1.50
C LEU B 165 3.05 21.82 1.62
N LEU B 166 3.03 23.13 1.88
CA LEU B 166 1.77 23.83 2.14
C LEU B 166 0.77 23.69 1.00
N PRO B 167 1.13 23.77 -0.28
CA PRO B 167 0.13 23.58 -1.33
C PRO B 167 -0.52 22.21 -1.26
N TYR B 168 0.23 21.18 -0.86
CA TYR B 168 -0.35 19.85 -0.77
C TYR B 168 -1.28 19.75 0.43
N TRP B 169 -0.88 20.30 1.58
CA TRP B 169 -1.79 20.40 2.72
C TRP B 169 -3.07 21.14 2.33
N ASN B 170 -2.93 22.32 1.73
CA ASN B 170 -4.11 23.14 1.46
C ASN B 170 -5.03 22.50 0.42
N GLU B 171 -4.47 21.91 -0.63
CA GLU B 171 -5.28 21.44 -1.75
C GLU B 171 -5.77 20.02 -1.58
N ARG B 172 -5.01 19.16 -0.91
CA ARG B 172 -5.34 17.74 -0.84
C ARG B 172 -5.71 17.27 0.55
N ILE B 173 -4.94 17.60 1.57
CA ILE B 173 -5.16 17.01 2.89
C ILE B 173 -6.23 17.77 3.67
N ALA B 174 -6.07 19.09 3.78
CA ALA B 174 -7.00 19.88 4.58
C ALA B 174 -8.46 19.67 4.19
N PRO B 175 -8.84 19.63 2.92
CA PRO B 175 -10.26 19.44 2.60
C PRO B 175 -10.81 18.12 3.11
N GLU B 176 -9.97 17.10 3.19
CA GLU B 176 -10.42 15.82 3.72
C GLU B 176 -10.59 15.89 5.23
N VAL B 177 -9.69 16.58 5.93
CA VAL B 177 -9.88 16.77 7.36
C VAL B 177 -11.19 17.51 7.62
N LEU B 178 -11.48 18.55 6.82
CA LEU B 178 -12.68 19.33 7.02
C LEU B 178 -13.94 18.53 6.76
N ARG B 179 -13.86 17.46 5.96
CA ARG B 179 -14.96 16.54 5.76
C ARG B 179 -15.17 15.61 6.94
N GLY B 180 -14.33 15.68 7.97
CA GLY B 180 -14.43 14.79 9.10
C GLY B 180 -13.73 13.46 8.93
N LYS B 181 -12.88 13.32 7.91
CA LYS B 181 -12.15 12.09 7.72
C LYS B 181 -10.96 12.03 8.68
N THR B 182 -10.64 10.81 9.12
CA THR B 182 -9.53 10.57 10.02
C THR B 182 -8.31 10.23 9.17
N ILE B 183 -7.30 11.09 9.23
CA ILE B 183 -6.15 11.05 8.33
C ILE B 183 -4.90 10.64 9.11
N LEU B 184 -4.08 9.82 8.46
CA LEU B 184 -2.72 9.52 8.89
C LEU B 184 -1.75 10.12 7.88
N ILE B 185 -0.76 10.86 8.37
CA ILE B 185 0.34 11.38 7.57
C ILE B 185 1.61 10.65 8.00
N SER B 186 2.14 9.82 7.09
CA SER B 186 3.37 9.07 7.31
C SER B 186 4.46 9.79 6.54
N ALA B 187 5.29 10.54 7.25
CA ALA B 187 6.26 11.41 6.60
C ALA B 187 7.61 11.31 7.29
N HIS B 188 8.33 12.44 7.41
CA HIS B 188 9.72 12.46 7.80
C HIS B 188 9.92 13.51 8.87
N GLY B 189 11.13 13.56 9.43
CA GLY B 189 11.38 14.48 10.52
C GLY B 189 11.13 15.93 10.13
N ASN B 190 11.76 16.39 9.04
CA ASN B 190 11.66 17.79 8.70
C ASN B 190 10.33 18.14 8.06
N SER B 191 9.75 17.25 7.24
CA SER B 191 8.45 17.57 6.67
C SER B 191 7.37 17.59 7.74
N SER B 192 7.47 16.73 8.76
CA SER B 192 6.56 16.81 9.88
C SER B 192 6.77 18.09 10.69
N ARG B 193 8.02 18.47 10.94
CA ARG B 193 8.28 19.71 11.67
C ARG B 193 7.70 20.91 10.92
N ALA B 194 7.82 20.93 9.59
CA ALA B 194 7.26 22.02 8.81
C ALA B 194 5.75 22.11 8.98
N LEU B 195 5.06 20.96 8.89
CA LEU B 195 3.61 21.00 9.03
C LEU B 195 3.20 21.40 10.45
N LEU B 196 3.90 20.90 11.47
CA LEU B 196 3.60 21.32 12.85
C LEU B 196 3.79 22.82 13.01
N LYS B 197 4.87 23.36 12.45
CA LYS B 197 5.08 24.80 12.52
C LYS B 197 3.86 25.55 12.01
N HIS B 198 3.33 25.12 10.88
CA HIS B 198 2.18 25.79 10.28
C HIS B 198 0.92 25.63 11.13
N LEU B 199 0.61 24.40 11.53
CA LEU B 199 -0.66 24.17 12.20
C LEU B 199 -0.69 24.73 13.61
N GLU B 200 0.46 24.76 14.29
CA GLU B 200 0.53 25.26 15.66
C GLU B 200 0.96 26.72 15.73
N GLY B 201 1.31 27.34 14.61
CA GLY B 201 1.73 28.72 14.66
C GLY B 201 3.03 28.92 15.41
N ILE B 202 3.96 27.97 15.27
CA ILE B 202 5.24 28.04 15.98
C ILE B 202 6.14 29.07 15.30
N SER B 203 6.81 29.89 16.10
CA SER B 203 7.63 30.94 15.52
C SER B 203 8.85 30.37 14.82
N ASP B 204 9.46 31.20 13.97
CA ASP B 204 10.70 30.81 13.31
C ASP B 204 11.77 30.48 14.32
N GLU B 205 11.78 31.17 15.46
CA GLU B 205 12.81 30.90 16.48
C GLU B 205 12.50 29.61 17.25
N ASP B 206 11.24 29.36 17.59
CA ASP B 206 10.91 28.21 18.42
C ASP B 206 10.98 26.89 17.66
N ILE B 207 10.83 26.89 16.34
CA ILE B 207 10.84 25.62 15.60
C ILE B 207 12.20 24.93 15.67
N ILE B 208 13.27 25.70 15.92
CA ILE B 208 14.59 25.10 15.98
C ILE B 208 14.69 24.10 17.13
N ASN B 209 13.89 24.29 18.17
CA ASN B 209 13.97 23.46 19.36
C ASN B 209 13.04 22.26 19.31
N ILE B 210 12.30 22.06 18.23
CA ILE B 210 11.46 20.88 18.07
C ILE B 210 12.26 19.80 17.35
N THR B 211 12.49 18.69 18.05
CA THR B 211 13.05 17.49 17.46
C THR B 211 12.02 16.37 17.63
N LEU B 212 11.72 15.67 16.56
CA LEU B 212 10.67 14.65 16.63
C LEU B 212 11.28 13.27 16.77
N PRO B 213 10.74 12.45 17.67
CA PRO B 213 11.25 11.08 17.83
C PRO B 213 10.78 10.21 16.69
N THR B 214 11.57 9.20 16.36
CA THR B 214 11.20 8.30 15.28
C THR B 214 10.11 7.32 15.72
N GLY B 215 9.24 6.99 14.78
CA GLY B 215 8.25 5.94 15.03
C GLY B 215 7.38 6.16 16.24
N VAL B 216 6.87 7.39 16.41
CA VAL B 216 5.97 7.74 17.50
C VAL B 216 4.77 8.50 16.91
N PRO B 217 3.54 8.02 17.10
CA PRO B 217 2.40 8.80 16.59
C PRO B 217 2.27 10.13 17.28
N ILE B 218 2.02 11.16 16.47
CA ILE B 218 1.84 12.53 16.93
C ILE B 218 0.38 12.90 16.70
N LEU B 219 -0.34 13.18 17.78
CA LEU B 219 -1.74 13.58 17.70
C LEU B 219 -1.83 15.10 17.67
N LEU B 220 -2.57 15.62 16.70
CA LEU B 220 -2.87 17.03 16.57
C LEU B 220 -4.37 17.22 16.62
N GLU B 221 -4.82 18.08 17.51
CA GLU B 221 -6.23 18.42 17.64
C GLU B 221 -6.43 19.78 16.99
N LEU B 222 -7.35 19.86 16.03
CA LEU B 222 -7.52 21.06 15.21
C LEU B 222 -8.93 21.60 15.37
N ASP B 223 -9.05 22.92 15.25
CA ASP B 223 -10.33 23.59 15.33
C ASP B 223 -10.94 23.75 13.94
N GLU B 224 -12.03 24.50 13.84
CA GLU B 224 -12.77 24.64 12.60
C GLU B 224 -11.95 25.31 11.51
N ASN B 225 -10.94 26.10 11.87
CA ASN B 225 -10.06 26.72 10.90
C ASN B 225 -8.79 25.91 10.69
N LEU B 226 -8.75 24.67 11.19
CA LEU B 226 -7.58 23.80 11.06
C LEU B 226 -6.36 24.37 11.76
N ARG B 227 -6.58 25.14 12.81
CA ARG B 227 -5.49 25.57 13.68
C ARG B 227 -5.46 24.69 14.93
N ALA B 228 -4.26 24.37 15.39
CA ALA B 228 -4.13 23.50 16.56
C ALA B 228 -4.78 24.13 17.78
N VAL B 229 -5.50 23.29 18.53
CA VAL B 229 -6.14 23.75 19.76
C VAL B 229 -5.16 23.77 20.93
N GLY B 230 -4.14 22.92 20.88
CA GLY B 230 -3.08 22.91 21.84
C GLY B 230 -1.86 22.27 21.21
N PRO B 231 -0.76 22.15 21.95
CA PRO B 231 0.45 21.59 21.35
C PRO B 231 0.25 20.14 20.95
N HIS B 232 1.04 19.71 19.97
CA HIS B 232 1.03 18.30 19.57
C HIS B 232 1.29 17.39 20.76
N GLN B 233 0.78 16.17 20.68
CA GLN B 233 0.89 15.20 21.75
C GLN B 233 1.47 13.90 21.20
N PHE B 234 2.60 13.47 21.74
CA PHE B 234 3.20 12.20 21.37
C PHE B 234 2.44 11.10 22.09
N LEU B 235 1.97 10.11 21.35
CA LEU B 235 1.17 9.03 21.94
C LEU B 235 2.10 7.90 22.35
N GLY B 236 2.29 7.75 23.65
CA GLY B 236 3.15 6.71 24.17
C GLY B 236 3.64 7.06 25.56
N ASP B 237 4.62 6.29 26.01
CA ASP B 237 5.25 6.52 27.30
C ASP B 237 6.18 7.72 27.20
N GLN B 238 5.95 8.75 28.02
CA GLN B 238 6.67 10.00 27.79
C GLN B 238 8.16 9.87 28.12
N GLU B 239 8.53 9.01 29.06
CA GLU B 239 9.95 8.79 29.36
C GLU B 239 10.66 8.18 28.16
N ALA B 240 10.07 7.14 27.56
CA ALA B 240 10.64 6.53 26.37
C ALA B 240 10.71 7.54 25.22
N ILE B 241 9.66 8.35 25.08
CA ILE B 241 9.62 9.33 24.02
C ILE B 241 10.71 10.38 24.22
N GLN B 242 10.91 10.84 25.45
CA GLN B 242 11.97 11.82 25.71
C GLN B 242 13.34 11.24 25.41
N ALA B 243 13.55 9.96 25.72
CA ALA B 243 14.82 9.33 25.37
C ALA B 243 14.98 9.22 23.86
N ALA B 244 13.88 8.96 23.15
CA ALA B 244 13.93 8.88 21.70
C ALA B 244 14.24 10.24 21.07
N ILE B 245 13.75 11.32 21.66
CA ILE B 245 14.10 12.65 21.19
C ILE B 245 15.58 12.90 21.43
N LYS B 246 16.06 12.59 22.63
CA LYS B 246 17.47 12.78 22.94
C LYS B 246 18.34 11.98 21.99
N LYS B 247 17.90 10.78 21.60
CA LYS B 247 18.66 9.97 20.64
C LYS B 247 18.85 10.70 19.32
N VAL B 248 17.79 11.34 18.81
CA VAL B 248 17.91 12.10 17.57
C VAL B 248 18.85 13.30 17.75
N GLU B 249 18.69 14.04 18.86
CA GLU B 249 19.58 15.17 19.13
C GLU B 249 21.04 14.72 19.16
N ASP B 250 21.30 13.58 19.79
CA ASP B 250 22.67 13.13 20.05
C ASP B 250 23.36 12.63 18.79
N GLN B 251 22.63 12.38 17.70
CA GLN B 251 23.28 12.09 16.44
C GLN B 251 24.24 13.19 16.01
N GLY B 252 24.00 14.43 16.46
CA GLY B 252 24.83 15.55 16.09
C GLY B 252 25.90 15.90 17.11
N LYS B 253 26.15 15.03 18.08
CA LYS B 253 27.08 15.31 19.16
C LYS B 253 28.31 14.43 19.03
N VAL B 254 29.45 14.98 19.44
CA VAL B 254 30.72 14.27 19.34
C VAL B 254 30.81 13.24 20.47
N LYS B 255 31.11 12.00 20.10
CA LYS B 255 31.13 10.85 21.02
C LYS B 255 29.71 10.45 21.43
#